data_8CCM
#
_entry.id   8CCM
#
_cell.length_a   68.150
_cell.length_b   68.150
_cell.length_c   154.890
_cell.angle_alpha   90.000
_cell.angle_beta   90.000
_cell.angle_gamma   120.000
#
_symmetry.space_group_name_H-M   'P 31 2 1'
#
loop_
_entity.id
_entity.type
_entity.pdbx_description
1 polymer 'Thioredoxin reductase'
2 non-polymer 'FLAVIN-ADENINE DINUCLEOTIDE'
3 non-polymer ~{N}6-(4-aminophenyl)-1,2-benzothiazole-3,6-diamine
4 non-polymer 'MALONATE ION'
5 non-polymer GLYCEROL
6 non-polymer 'MAGNESIUM ION'
7 non-polymer 'CHLORIDE ION'
8 water water
#
_entity_poly.entity_id   1
_entity_poly.type   'polypeptide(L)'
_entity_poly.pdbx_seq_one_letter_code
;MAHHHHHHMSTSQTVHDVIIIGSGPAGYTAAIYAARAQLKPLVFEGTQFGGALMTTTEVENYPGFREGITGPELMDQMRE
QALRFGADLRMEDVDAVQLEGPVKTVVVGDETHQARAVILAMGAAARHLGVPGEEALTGMGVSTCATCDGFFFRDQDIVV
VGGGDSAMEEATFLTRFARSVTLIHRRDEFRASKIMLERARANEKITFLTNTEITQIEGDPKVTGVRLRDTVTGEESKLD
VTGVFVAIGHDPRSELVRGQVELDDEGYVKVQGRTTYTSLDGVFAAGDLVDHTYRQAITAAGSGCAASIDAERWLAEQD
;
_entity_poly.pdbx_strand_id   A
#
loop_
_chem_comp.id
_chem_comp.type
_chem_comp.name
_chem_comp.formula
CL non-polymer 'CHLORIDE ION' 'Cl -1'
FAD non-polymer 'FLAVIN-ADENINE DINUCLEOTIDE' 'C27 H33 N9 O15 P2'
GOL non-polymer GLYCEROL 'C3 H8 O3'
MG non-polymer 'MAGNESIUM ION' 'Mg 2'
MLI non-polymer 'MALONATE ION' 'C3 H2 O4 -2'
U9C non-polymer ~{N}6-(4-aminophenyl)-1,2-benzothiazole-3,6-diamine 'C13 H12 N4 S'
#
# COMPACT_ATOMS: atom_id res chain seq x y z
N THR A 14 9.85 20.45 24.26
CA THR A 14 10.71 19.36 23.80
C THR A 14 10.57 19.16 22.30
N VAL A 15 11.50 19.69 21.51
CA VAL A 15 11.42 19.54 20.07
C VAL A 15 12.36 18.41 19.67
N HIS A 16 11.78 17.35 19.11
CA HIS A 16 12.57 16.21 18.68
C HIS A 16 13.30 16.51 17.37
N ASP A 17 14.38 15.77 17.10
CA ASP A 17 15.05 15.91 15.83
C ASP A 17 14.11 15.51 14.69
N VAL A 18 13.43 14.39 14.82
CA VAL A 18 12.61 13.87 13.72
C VAL A 18 11.43 13.10 14.28
N ILE A 19 10.28 13.28 13.64
CA ILE A 19 9.11 12.46 13.87
C ILE A 19 8.82 11.72 12.58
N ILE A 20 8.49 10.43 12.71
CA ILE A 20 8.10 9.60 11.58
C ILE A 20 6.62 9.24 11.74
N ILE A 21 5.85 9.42 10.68
CA ILE A 21 4.43 9.07 10.68
C ILE A 21 4.23 7.85 9.79
N GLY A 22 4.01 6.70 10.43
CA GLY A 22 3.65 5.48 9.72
C GLY A 22 4.60 4.35 10.11
N SER A 23 4.10 3.12 10.01
CA SER A 23 4.79 1.96 10.54
C SER A 23 4.77 0.79 9.57
N GLY A 24 4.77 1.05 8.27
CA GLY A 24 5.05 0.02 7.31
C GLY A 24 6.56 -0.10 7.13
N PRO A 25 6.99 -0.76 6.07
CA PRO A 25 8.44 -0.87 5.82
C PRO A 25 9.12 0.49 5.68
N ALA A 26 8.46 1.47 5.05
CA ALA A 26 9.14 2.76 4.92
C ALA A 26 9.37 3.38 6.29
N GLY A 27 8.32 3.44 7.11
CA GLY A 27 8.46 4.03 8.43
C GLY A 27 9.43 3.30 9.35
N TYR A 28 9.39 1.97 9.38
CA TYR A 28 10.32 1.28 10.28
C TYR A 28 11.76 1.39 9.78
N THR A 29 11.98 1.37 8.46
CA THR A 29 13.37 1.49 7.99
C THR A 29 13.90 2.89 8.25
N ALA A 30 13.06 3.91 8.06
CA ALA A 30 13.44 5.26 8.46
C ALA A 30 13.77 5.31 9.94
N ALA A 31 12.95 4.64 10.77
CA ALA A 31 13.19 4.63 12.21
C ALA A 31 14.51 3.95 12.57
N ILE A 32 14.81 2.84 11.91
CA ILE A 32 16.07 2.13 12.18
C ILE A 32 17.25 3.04 11.89
N TYR A 33 17.25 3.68 10.71
CA TYR A 33 18.38 4.53 10.34
C TYR A 33 18.49 5.76 11.23
N ALA A 34 17.34 6.41 11.51
CA ALA A 34 17.38 7.60 12.34
C ALA A 34 17.85 7.27 13.74
N ALA A 35 17.39 6.13 14.27
CA ALA A 35 17.79 5.75 15.63
C ALA A 35 19.27 5.43 15.68
N ARG A 36 19.74 4.66 14.69
CA ARG A 36 21.16 4.34 14.65
C ARG A 36 22.00 5.58 14.45
N ALA A 37 21.43 6.61 13.80
CA ALA A 37 22.11 7.90 13.68
C ALA A 37 21.98 8.76 14.94
N GLN A 38 21.48 8.20 16.03
CA GLN A 38 21.33 8.90 17.32
C GLN A 38 20.36 10.08 17.22
N LEU A 39 19.38 10.03 16.34
CA LEU A 39 18.40 11.11 16.29
C LEU A 39 17.20 10.87 17.20
N LYS A 40 17.15 9.76 17.92
CA LYS A 40 16.06 9.45 18.84
C LYS A 40 14.71 9.67 18.17
N PRO A 41 14.43 8.99 17.08
CA PRO A 41 13.20 9.25 16.33
C PRO A 41 11.97 8.90 17.14
N LEU A 42 10.96 9.75 17.03
CA LEU A 42 9.66 9.52 17.63
C LEU A 42 8.74 9.06 16.52
N VAL A 43 8.19 7.86 16.65
CA VAL A 43 7.48 7.21 15.55
C VAL A 43 6.04 6.98 15.97
N PHE A 44 5.10 7.50 15.20
CA PHE A 44 3.68 7.24 15.43
C PHE A 44 3.27 6.16 14.45
N GLU A 45 2.96 4.98 14.99
CA GLU A 45 2.73 3.79 14.18
C GLU A 45 1.32 3.70 13.65
N GLY A 46 0.35 4.38 14.29
CA GLY A 46 -1.05 4.13 14.05
C GLY A 46 -1.58 3.03 14.95
N THR A 47 -2.90 3.01 15.12
CA THR A 47 -3.50 1.87 15.82
C THR A 47 -3.55 0.64 14.91
N GLN A 48 -3.64 0.84 13.60
CA GLN A 48 -3.52 -0.29 12.68
C GLN A 48 -2.09 -0.39 12.17
N PHE A 49 -1.21 -0.68 13.11
CA PHE A 49 0.22 -0.54 12.88
C PHE A 49 0.78 -1.68 12.04
N GLY A 50 1.96 -1.46 11.49
CA GLY A 50 2.70 -2.50 10.81
C GLY A 50 2.55 -2.52 9.31
N GLY A 51 1.76 -1.62 8.74
CA GLY A 51 1.63 -1.51 7.31
C GLY A 51 0.86 -2.65 6.66
N ALA A 52 0.91 -2.64 5.32
CA ALA A 52 0.09 -3.54 4.52
C ALA A 52 0.42 -5.01 4.75
N LEU A 53 1.67 -5.34 5.10
CA LEU A 53 2.06 -6.72 5.28
C LEU A 53 1.49 -7.30 6.56
N MET A 54 1.04 -6.46 7.47
CA MET A 54 0.62 -7.01 8.74
C MET A 54 -0.65 -7.85 8.47
N THR A 55 -1.25 -7.69 7.28
CA THR A 55 -2.46 -8.39 6.88
C THR A 55 -2.30 -9.24 5.62
N THR A 56 -1.09 -9.68 5.29
CA THR A 56 -0.93 -10.78 4.33
C THR A 56 -0.45 -12.02 5.05
N THR A 57 -0.38 -13.13 4.33
CA THR A 57 0.21 -14.32 4.93
C THR A 57 1.69 -14.36 4.56
N GLU A 58 1.99 -14.62 3.30
CA GLU A 58 3.34 -14.98 2.92
C GLU A 58 4.00 -13.83 2.16
N VAL A 59 5.25 -13.57 2.52
CA VAL A 59 6.09 -12.61 1.83
C VAL A 59 7.29 -13.40 1.33
N GLU A 60 7.32 -13.65 0.03
CA GLU A 60 8.35 -14.50 -0.54
C GLU A 60 9.37 -13.74 -1.38
N ASN A 61 9.06 -12.49 -1.74
CA ASN A 61 9.91 -11.70 -2.63
C ASN A 61 10.64 -10.59 -1.89
N TYR A 62 10.64 -10.60 -0.56
CA TYR A 62 11.44 -9.66 0.19
C TYR A 62 12.83 -10.26 0.37
N PRO A 63 13.87 -9.69 -0.23
CA PRO A 63 15.17 -10.39 -0.28
C PRO A 63 15.79 -10.53 1.10
N GLY A 64 16.31 -11.73 1.37
CA GLY A 64 16.90 -12.03 2.66
C GLY A 64 16.27 -13.21 3.38
N PHE A 65 15.30 -13.91 2.79
CA PHE A 65 14.58 -15.00 3.46
C PHE A 65 14.40 -16.11 2.42
N ARG A 66 15.35 -17.06 2.39
CA ARG A 66 15.34 -18.02 1.29
C ARG A 66 14.07 -18.85 1.27
N GLU A 67 13.43 -19.06 2.42
CA GLU A 67 12.23 -19.86 2.52
C GLU A 67 11.00 -19.02 2.84
N GLY A 68 11.11 -17.70 2.75
CA GLY A 68 10.01 -16.80 3.01
C GLY A 68 9.85 -16.51 4.48
N ILE A 69 8.82 -15.70 4.76
CA ILE A 69 8.49 -15.20 6.09
C ILE A 69 7.08 -14.64 6.02
N THR A 70 6.32 -14.78 7.11
CA THR A 70 4.99 -14.21 7.05
C THR A 70 5.07 -12.68 7.18
N GLY A 71 4.01 -12.00 6.74
CA GLY A 71 4.00 -10.55 6.83
C GLY A 71 4.15 -10.05 8.25
N PRO A 72 3.34 -10.59 9.18
CA PRO A 72 3.52 -10.19 10.60
C PRO A 72 4.90 -10.53 11.16
N GLU A 73 5.48 -11.69 10.82
CA GLU A 73 6.82 -12.00 11.32
C GLU A 73 7.84 -10.98 10.84
N LEU A 74 7.76 -10.60 9.56
CA LEU A 74 8.69 -9.61 9.01
C LEU A 74 8.53 -8.25 9.67
N MET A 75 7.29 -7.76 9.78
CA MET A 75 7.05 -6.49 10.47
C MET A 75 7.48 -6.52 11.92
N ASP A 76 7.29 -7.64 12.63
CA ASP A 76 7.77 -7.64 14.01
CA ASP A 76 7.76 -7.72 14.01
C ASP A 76 9.28 -7.57 14.08
N GLN A 77 10.00 -8.22 13.15
CA GLN A 77 11.45 -8.06 13.10
C GLN A 77 11.83 -6.59 12.94
N MET A 78 11.20 -5.93 11.96
CA MET A 78 11.47 -4.52 11.70
C MET A 78 11.20 -3.67 12.94
N ARG A 79 10.05 -3.89 13.59
CA ARG A 79 9.68 -3.10 14.76
C ARG A 79 10.68 -3.31 15.90
N GLU A 80 11.03 -4.56 16.19
CA GLU A 80 12.00 -4.83 17.26
C GLU A 80 13.37 -4.28 16.92
N GLN A 81 13.72 -4.28 15.63
CA GLN A 81 14.98 -3.69 15.18
C GLN A 81 15.01 -2.19 15.45
N ALA A 82 13.90 -1.50 15.13
CA ALA A 82 13.85 -0.07 15.43
C ALA A 82 13.94 0.17 16.92
N LEU A 83 13.23 -0.64 17.72
CA LEU A 83 13.30 -0.50 19.18
C LEU A 83 14.73 -0.71 19.68
N ARG A 84 15.44 -1.69 19.10
CA ARG A 84 16.75 -2.03 19.61
C ARG A 84 17.70 -0.84 19.55
N PHE A 85 17.58 -0.03 18.50
CA PHE A 85 18.46 1.11 18.33
C PHE A 85 17.92 2.38 18.97
N GLY A 86 16.78 2.32 19.63
CA GLY A 86 16.33 3.44 20.44
C GLY A 86 15.17 4.23 19.88
N ALA A 87 14.48 3.74 18.86
CA ALA A 87 13.30 4.45 18.39
C ALA A 87 12.23 4.45 19.47
N ASP A 88 11.53 5.55 19.58
CA ASP A 88 10.42 5.70 20.53
C ASP A 88 9.16 5.48 19.72
N LEU A 89 8.54 4.30 19.87
CA LEU A 89 7.42 3.88 19.05
C LEU A 89 6.10 4.07 19.80
N ARG A 90 5.11 4.71 19.17
CA ARG A 90 3.79 4.92 19.80
C ARG A 90 2.71 4.38 18.88
N MET A 91 1.89 3.45 19.38
CA MET A 91 0.80 2.86 18.58
C MET A 91 -0.42 3.78 18.64
N GLU A 92 -0.27 4.94 18.01
CA GLU A 92 -1.30 5.97 17.99
C GLU A 92 -1.32 6.61 16.61
N ASP A 93 -2.51 7.06 16.22
CA ASP A 93 -2.69 7.77 14.95
C ASP A 93 -2.34 9.24 15.11
N VAL A 94 -1.64 9.80 14.13
CA VAL A 94 -1.54 11.25 14.04
C VAL A 94 -2.83 11.77 13.42
N ASP A 95 -3.50 12.71 14.11
CA ASP A 95 -4.77 13.23 13.60
C ASP A 95 -4.63 14.52 12.82
N ALA A 96 -3.55 15.26 13.00
CA ALA A 96 -3.39 16.53 12.31
C ALA A 96 -1.93 16.92 12.42
N VAL A 97 -1.46 17.72 11.46
CA VAL A 97 -0.07 18.16 11.48
C VAL A 97 -0.01 19.64 11.10
N GLN A 98 1.04 20.29 11.59
CA GLN A 98 1.45 21.61 11.13
C GLN A 98 2.92 21.44 10.70
N LEU A 99 3.17 21.46 9.39
CA LEU A 99 4.48 21.07 8.84
C LEU A 99 5.32 22.24 8.34
N GLU A 100 4.79 23.46 8.32
CA GLU A 100 5.51 24.62 7.82
C GLU A 100 6.34 25.27 8.92
N GLY A 101 7.60 25.55 8.62
CA GLY A 101 8.42 26.30 9.54
C GLY A 101 9.43 25.45 10.27
N PRO A 102 10.29 26.11 11.06
CA PRO A 102 11.38 25.40 11.75
C PRO A 102 10.91 24.37 12.75
N VAL A 103 9.75 24.54 13.37
CA VAL A 103 9.25 23.60 14.36
C VAL A 103 7.91 23.05 13.88
N LYS A 104 7.87 21.74 13.61
CA LYS A 104 6.68 21.07 13.11
C LYS A 104 5.91 20.43 14.25
N THR A 105 4.58 20.41 14.15
CA THR A 105 3.74 19.86 15.20
C THR A 105 2.87 18.73 14.66
N VAL A 106 2.79 17.64 15.41
CA VAL A 106 1.79 16.60 15.15
C VAL A 106 0.83 16.57 16.33
N VAL A 107 -0.46 16.36 16.05
CA VAL A 107 -1.47 16.27 17.08
C VAL A 107 -2.01 14.85 17.09
N VAL A 108 -2.02 14.25 18.28
CA VAL A 108 -2.39 12.85 18.48
C VAL A 108 -3.48 12.86 19.56
N GLY A 109 -4.74 12.83 19.15
CA GLY A 109 -5.82 12.99 20.10
C GLY A 109 -5.71 14.37 20.72
N ASP A 110 -5.53 14.43 22.04
CA ASP A 110 -5.35 15.71 22.74
C ASP A 110 -3.90 15.97 23.12
N GLU A 111 -2.96 15.24 22.54
CA GLU A 111 -1.54 15.40 22.81
C GLU A 111 -0.86 15.96 21.58
N THR A 112 0.14 16.79 21.80
CA THR A 112 0.93 17.38 20.73
C THR A 112 2.39 16.98 20.87
N HIS A 113 3.08 16.86 19.72
CA HIS A 113 4.51 16.58 19.70
CA HIS A 113 4.50 16.58 19.72
C HIS A 113 5.16 17.39 18.61
N GLN A 114 6.42 17.79 18.83
CA GLN A 114 7.10 18.70 17.91
C GLN A 114 8.45 18.14 17.47
N ALA A 115 8.89 18.60 16.30
CA ALA A 115 10.16 18.10 15.76
C ALA A 115 10.70 19.06 14.71
N ARG A 116 12.02 19.02 14.51
CA ARG A 116 12.63 19.82 13.45
CA ARG A 116 12.62 19.83 13.44
C ARG A 116 12.43 19.22 12.06
N ALA A 117 12.37 17.90 11.96
CA ALA A 117 12.10 17.24 10.70
C ALA A 117 10.99 16.22 10.87
N VAL A 118 10.24 15.99 9.80
CA VAL A 118 9.16 15.02 9.78
C VAL A 118 9.32 14.14 8.55
N ILE A 119 9.22 12.82 8.73
CA ILE A 119 9.24 11.87 7.63
C ILE A 119 7.84 11.30 7.50
N LEU A 120 7.24 11.51 6.33
CA LEU A 120 5.88 11.06 6.05
C LEU A 120 5.95 9.66 5.45
N ALA A 121 5.34 8.68 6.13
CA ALA A 121 5.41 7.30 5.65
C ALA A 121 4.07 6.63 5.84
N MET A 122 2.99 7.34 5.51
CA MET A 122 1.65 6.82 5.79
C MET A 122 1.14 5.81 4.78
N GLY A 123 1.87 5.58 3.68
CA GLY A 123 1.47 4.53 2.78
C GLY A 123 0.31 4.91 1.88
N ALA A 124 -0.24 3.90 1.24
CA ALA A 124 -1.44 4.03 0.43
C ALA A 124 -2.40 2.92 0.80
N ALA A 125 -3.68 3.24 0.83
CA ALA A 125 -4.72 2.26 1.08
C ALA A 125 -5.14 1.62 -0.24
N ALA A 126 -5.08 0.30 -0.31
CA ALA A 126 -5.72 -0.39 -1.42
C ALA A 126 -7.24 -0.30 -1.26
N ARG A 127 -7.93 0.10 -2.31
CA ARG A 127 -9.39 0.11 -2.29
C ARG A 127 -9.93 -1.31 -2.12
N HIS A 128 -10.98 -1.43 -1.31
CA HIS A 128 -11.61 -2.71 -1.02
CA HIS A 128 -11.58 -2.73 -1.07
C HIS A 128 -12.93 -2.84 -1.76
N LEU A 129 -13.29 -4.08 -2.08
CA LEU A 129 -14.60 -4.35 -2.65
C LEU A 129 -15.70 -4.01 -1.67
N GLY A 130 -15.42 -4.17 -0.38
CA GLY A 130 -16.41 -3.96 0.67
C GLY A 130 -17.54 -4.96 0.72
N VAL A 131 -17.25 -6.25 0.50
CA VAL A 131 -18.30 -7.25 0.45
C VAL A 131 -17.97 -8.35 1.45
N PRO A 132 -18.97 -9.09 1.91
CA PRO A 132 -18.71 -10.22 2.81
C PRO A 132 -17.77 -11.24 2.17
N GLY A 133 -16.89 -11.80 2.99
CA GLY A 133 -15.93 -12.77 2.56
C GLY A 133 -14.60 -12.19 2.15
N GLU A 134 -14.56 -10.89 1.83
CA GLU A 134 -13.32 -10.26 1.37
C GLU A 134 -12.25 -10.27 2.46
N GLU A 135 -12.64 -9.89 3.69
CA GLU A 135 -11.70 -9.91 4.79
C GLU A 135 -11.38 -11.34 5.22
N ALA A 136 -12.42 -12.16 5.42
CA ALA A 136 -12.20 -13.52 5.92
C ALA A 136 -11.25 -14.30 5.01
N LEU A 137 -11.32 -14.07 3.70
CA LEU A 137 -10.57 -14.87 2.73
C LEU A 137 -9.32 -14.16 2.23
N THR A 138 -8.98 -13.01 2.82
CA THR A 138 -7.73 -12.34 2.49
C THR A 138 -6.56 -13.25 2.86
N GLY A 139 -5.61 -13.40 1.92
CA GLY A 139 -4.53 -14.34 2.09
C GLY A 139 -4.94 -15.79 1.95
N MET A 140 -6.21 -16.06 1.70
CA MET A 140 -6.73 -17.40 1.50
C MET A 140 -7.47 -17.46 0.17
N GLY A 141 -6.97 -16.72 -0.82
CA GLY A 141 -7.61 -16.69 -2.11
C GLY A 141 -7.90 -15.28 -2.60
N VAL A 142 -8.01 -14.34 -1.66
CA VAL A 142 -8.22 -12.93 -1.98
C VAL A 142 -6.89 -12.23 -1.89
N SER A 143 -6.49 -11.58 -2.98
CA SER A 143 -5.18 -10.95 -3.04
C SER A 143 -5.33 -9.56 -3.65
N THR A 144 -4.33 -8.73 -3.38
CA THR A 144 -4.27 -7.38 -3.90
C THR A 144 -3.09 -7.21 -4.86
N CYS A 145 -2.33 -8.26 -5.09
CA CYS A 145 -0.96 -8.14 -5.59
C CYS A 145 -0.64 -9.36 -6.46
N ALA A 146 -0.76 -9.17 -7.78
CA ALA A 146 -0.44 -10.26 -8.70
C ALA A 146 1.03 -10.63 -8.63
N THR A 147 1.91 -9.62 -8.53
CA THR A 147 3.34 -9.87 -8.39
C THR A 147 3.59 -10.84 -7.23
N CYS A 148 2.93 -10.58 -6.11
CA CYS A 148 3.15 -11.36 -4.89
C CYS A 148 2.54 -12.75 -4.98
N ASP A 149 1.26 -12.83 -5.37
CA ASP A 149 0.46 -14.02 -5.14
C ASP A 149 0.13 -14.81 -6.39
N GLY A 150 0.29 -14.22 -7.59
CA GLY A 150 -0.10 -14.92 -8.81
C GLY A 150 0.52 -16.29 -8.92
N PHE A 151 1.76 -16.41 -8.44
CA PHE A 151 2.49 -17.66 -8.27
C PHE A 151 1.59 -18.81 -7.80
N PHE A 152 0.73 -18.54 -6.80
CA PHE A 152 0.03 -19.57 -6.06
C PHE A 152 -1.24 -20.06 -6.76
N PHE A 153 -1.60 -19.48 -7.90
CA PHE A 153 -2.84 -19.81 -8.59
C PHE A 153 -2.59 -20.54 -9.90
N ARG A 154 -1.48 -21.28 -9.99
CA ARG A 154 -1.16 -22.01 -11.21
C ARG A 154 -2.30 -22.93 -11.61
N ASP A 155 -2.68 -22.85 -12.89
CA ASP A 155 -3.72 -23.68 -13.49
C ASP A 155 -5.09 -23.50 -12.84
N GLN A 156 -5.32 -22.38 -12.16
CA GLN A 156 -6.58 -22.13 -11.48
C GLN A 156 -7.41 -21.10 -12.25
N ASP A 157 -8.72 -21.12 -11.99
CA ASP A 157 -9.64 -20.11 -12.52
C ASP A 157 -9.80 -18.99 -11.50
N ILE A 158 -9.46 -17.76 -11.89
CA ILE A 158 -9.47 -16.63 -10.98
C ILE A 158 -10.17 -15.42 -11.60
N VAL A 159 -10.52 -14.45 -10.75
CA VAL A 159 -11.05 -13.18 -11.23
C VAL A 159 -10.04 -12.08 -10.90
N VAL A 160 -10.10 -11.02 -11.71
CA VAL A 160 -9.50 -9.73 -11.41
C VAL A 160 -10.60 -8.68 -11.46
N VAL A 161 -10.63 -7.78 -10.48
CA VAL A 161 -11.68 -6.76 -10.40
C VAL A 161 -11.04 -5.39 -10.63
N GLY A 162 -11.57 -4.64 -11.57
CA GLY A 162 -11.13 -3.28 -11.77
C GLY A 162 -11.22 -2.89 -13.23
N GLY A 163 -11.16 -1.58 -13.48
CA GLY A 163 -11.29 -1.07 -14.83
C GLY A 163 -10.15 -0.18 -15.34
N GLY A 164 -9.03 -0.09 -14.62
CA GLY A 164 -7.93 0.76 -14.98
C GLY A 164 -6.66 -0.03 -15.34
N ASP A 165 -5.60 0.73 -15.67
CA ASP A 165 -4.35 0.10 -16.09
C ASP A 165 -3.88 -0.93 -15.09
N SER A 166 -4.10 -0.66 -13.79
CA SER A 166 -3.77 -1.62 -12.76
C SER A 166 -4.41 -2.98 -13.03
N ALA A 167 -5.72 -3.00 -13.23
CA ALA A 167 -6.42 -4.26 -13.45
C ALA A 167 -5.98 -4.93 -14.75
N MET A 168 -5.78 -4.16 -15.82
CA MET A 168 -5.31 -4.73 -17.07
CA MET A 168 -5.31 -4.72 -17.07
C MET A 168 -3.93 -5.35 -16.90
N GLU A 169 -3.04 -4.64 -16.19
CA GLU A 169 -1.70 -5.16 -15.94
C GLU A 169 -1.76 -6.40 -15.07
N GLU A 170 -2.57 -6.37 -14.00
CA GLU A 170 -2.65 -7.53 -13.12
C GLU A 170 -3.21 -8.73 -13.86
N ALA A 171 -4.28 -8.53 -14.65
CA ALA A 171 -4.92 -9.63 -15.35
C ALA A 171 -4.00 -10.28 -16.38
N THR A 172 -3.33 -9.46 -17.21
CA THR A 172 -2.48 -10.05 -18.25
C THR A 172 -1.26 -10.73 -17.65
N PHE A 173 -0.69 -10.13 -16.60
CA PHE A 173 0.42 -10.76 -15.87
C PHE A 173 0.00 -12.12 -15.32
N LEU A 174 -1.20 -12.18 -14.75
CA LEU A 174 -1.66 -13.40 -14.10
C LEU A 174 -1.88 -14.55 -15.07
N THR A 175 -2.08 -14.28 -16.37
CA THR A 175 -2.31 -15.38 -17.30
C THR A 175 -1.08 -16.28 -17.47
N ARG A 176 0.10 -15.83 -17.04
CA ARG A 176 1.23 -16.75 -17.13
C ARG A 176 1.18 -17.82 -16.04
N PHE A 177 0.30 -17.67 -15.05
CA PHE A 177 0.06 -18.70 -14.06
C PHE A 177 -1.31 -19.34 -14.20
N ALA A 178 -2.36 -18.53 -14.22
CA ALA A 178 -3.73 -19.01 -14.14
C ALA A 178 -4.15 -19.75 -15.41
N ARG A 179 -5.04 -20.73 -15.22
CA ARG A 179 -5.74 -21.34 -16.34
C ARG A 179 -6.66 -20.35 -17.04
N SER A 180 -7.39 -19.53 -16.27
CA SER A 180 -8.24 -18.51 -16.86
C SER A 180 -8.34 -17.32 -15.93
N VAL A 181 -8.58 -16.15 -16.50
CA VAL A 181 -8.74 -14.91 -15.76
C VAL A 181 -10.03 -14.24 -16.23
N THR A 182 -10.98 -14.05 -15.30
CA THR A 182 -12.21 -13.30 -15.57
C THR A 182 -12.05 -11.90 -15.02
N LEU A 183 -11.98 -10.91 -15.91
CA LEU A 183 -11.80 -9.52 -15.52
CA LEU A 183 -11.80 -9.52 -15.52
C LEU A 183 -13.18 -8.89 -15.34
N ILE A 184 -13.52 -8.49 -14.11
CA ILE A 184 -14.83 -7.99 -13.75
C ILE A 184 -14.76 -6.49 -13.50
N HIS A 185 -15.67 -5.73 -14.12
CA HIS A 185 -15.73 -4.29 -13.98
CA HIS A 185 -15.72 -4.29 -13.97
C HIS A 185 -17.18 -3.84 -13.87
N ARG A 186 -17.46 -2.93 -12.92
CA ARG A 186 -18.84 -2.53 -12.65
C ARG A 186 -19.42 -1.57 -13.68
N ARG A 187 -18.64 -1.10 -14.65
CA ARG A 187 -19.18 -0.27 -15.73
C ARG A 187 -18.99 -1.02 -17.04
N ASP A 188 -19.53 -0.44 -18.13
CA ASP A 188 -19.24 -0.96 -19.46
C ASP A 188 -18.20 -0.12 -20.18
N GLU A 189 -17.63 0.87 -19.49
CA GLU A 189 -16.54 1.68 -20.02
C GLU A 189 -15.33 1.51 -19.13
N PHE A 190 -14.15 1.65 -19.73
CA PHE A 190 -12.89 1.29 -19.09
C PHE A 190 -12.00 2.53 -19.00
N ARG A 191 -11.56 2.86 -17.79
CA ARG A 191 -10.67 4.00 -17.59
C ARG A 191 -9.23 3.68 -17.92
N ALA A 192 -8.93 2.42 -18.25
CA ALA A 192 -7.58 2.03 -18.61
C ALA A 192 -7.20 2.56 -20.00
N SER A 193 -5.90 2.75 -20.18
CA SER A 193 -5.37 3.24 -21.45
C SER A 193 -5.67 2.25 -22.58
N LYS A 194 -5.69 2.77 -23.81
CA LYS A 194 -6.07 1.94 -24.95
C LYS A 194 -5.10 0.78 -25.13
N ILE A 195 -3.80 1.01 -24.92
CA ILE A 195 -2.81 -0.05 -25.06
C ILE A 195 -3.06 -1.16 -24.04
N MET A 196 -3.22 -0.79 -22.77
CA MET A 196 -3.50 -1.80 -21.74
C MET A 196 -4.82 -2.52 -22.02
N LEU A 197 -5.85 -1.78 -22.41
CA LEU A 197 -7.12 -2.41 -22.79
C LEU A 197 -6.93 -3.37 -23.95
N GLU A 198 -6.18 -2.96 -24.97
CA GLU A 198 -6.03 -3.80 -26.16
C GLU A 198 -5.19 -5.04 -25.87
N ARG A 199 -4.17 -4.92 -25.02
CA ARG A 199 -3.41 -6.11 -24.64
C ARG A 199 -4.30 -7.14 -23.95
N ALA A 200 -5.17 -6.68 -23.03
CA ALA A 200 -6.06 -7.62 -22.34
C ALA A 200 -7.03 -8.28 -23.31
N ARG A 201 -7.54 -7.53 -24.29
CA ARG A 201 -8.50 -8.09 -25.24
C ARG A 201 -7.86 -9.19 -26.08
N ALA A 202 -6.58 -9.01 -26.42
CA ALA A 202 -5.88 -9.97 -27.28
C ALA A 202 -5.54 -11.27 -26.57
N ASN A 203 -5.53 -11.29 -25.24
CA ASN A 203 -5.07 -12.45 -24.48
C ASN A 203 -6.20 -13.47 -24.39
N GLU A 204 -5.97 -14.67 -24.94
CA GLU A 204 -7.02 -15.68 -25.04
C GLU A 204 -7.47 -16.22 -23.69
N LYS A 205 -6.67 -16.05 -22.64
CA LYS A 205 -7.02 -16.53 -21.30
C LYS A 205 -7.92 -15.57 -20.53
N ILE A 206 -8.22 -14.39 -21.07
CA ILE A 206 -8.96 -13.35 -20.36
C ILE A 206 -10.37 -13.27 -20.94
N THR A 207 -11.37 -13.32 -20.06
CA THR A 207 -12.75 -13.03 -20.38
C THR A 207 -13.19 -11.79 -19.62
N PHE A 208 -13.92 -10.91 -20.31
CA PHE A 208 -14.32 -9.62 -19.78
C PHE A 208 -15.77 -9.75 -19.30
N LEU A 209 -16.06 -9.23 -18.12
CA LEU A 209 -17.43 -9.21 -17.58
C LEU A 209 -17.72 -7.76 -17.16
N THR A 210 -18.36 -7.01 -18.05
CA THR A 210 -18.61 -5.61 -17.78
C THR A 210 -19.96 -5.47 -17.09
N ASN A 211 -20.24 -4.29 -16.57
CA ASN A 211 -21.51 -4.01 -15.88
C ASN A 211 -21.77 -5.04 -14.78
N THR A 212 -20.69 -5.46 -14.11
CA THR A 212 -20.78 -6.53 -13.13
C THR A 212 -20.05 -6.12 -11.85
N GLU A 213 -20.67 -6.37 -10.70
CA GLU A 213 -20.04 -6.20 -9.41
C GLU A 213 -20.05 -7.53 -8.66
N ILE A 214 -19.10 -7.67 -7.73
CA ILE A 214 -19.07 -8.80 -6.81
C ILE A 214 -19.90 -8.41 -5.60
N THR A 215 -20.83 -9.29 -5.18
CA THR A 215 -21.59 -9.04 -3.96
C THR A 215 -21.13 -9.87 -2.79
N GLN A 216 -20.35 -10.93 -3.01
CA GLN A 216 -19.91 -11.80 -1.94
C GLN A 216 -18.82 -12.71 -2.46
N ILE A 217 -17.87 -13.06 -1.59
CA ILE A 217 -16.82 -14.01 -1.91
C ILE A 217 -17.05 -15.25 -1.07
N GLU A 218 -17.33 -16.38 -1.73
CA GLU A 218 -17.58 -17.63 -1.04
C GLU A 218 -16.26 -18.34 -0.75
N GLY A 219 -16.16 -18.93 0.44
CA GLY A 219 -15.08 -19.87 0.68
C GLY A 219 -14.97 -20.40 2.09
N ASP A 220 -14.87 -21.74 2.24
CA ASP A 220 -14.95 -22.38 3.54
C ASP A 220 -13.65 -22.18 4.33
N PRO A 221 -12.46 -22.75 3.91
CA PRO A 221 -11.20 -22.11 4.34
C PRO A 221 -10.68 -21.11 3.32
N LYS A 222 -10.95 -21.37 2.04
CA LYS A 222 -10.35 -20.61 0.94
C LYS A 222 -11.40 -20.30 -0.11
N VAL A 223 -11.06 -19.35 -0.98
CA VAL A 223 -11.99 -18.84 -1.99
C VAL A 223 -12.47 -19.99 -2.86
N THR A 224 -13.79 -20.14 -2.94
CA THR A 224 -14.38 -21.13 -3.84
C THR A 224 -15.24 -20.52 -4.94
N GLY A 225 -15.63 -19.25 -4.82
CA GLY A 225 -16.47 -18.63 -5.82
C GLY A 225 -16.78 -17.19 -5.46
N VAL A 226 -17.43 -16.50 -6.40
CA VAL A 226 -17.90 -15.14 -6.18
C VAL A 226 -19.35 -15.08 -6.62
N ARG A 227 -20.15 -14.33 -5.88
CA ARG A 227 -21.49 -13.98 -6.30
C ARG A 227 -21.48 -12.64 -7.03
N LEU A 228 -22.21 -12.61 -8.14
CA LEU A 228 -22.13 -11.52 -9.11
C LEU A 228 -23.50 -10.87 -9.26
N ARG A 229 -23.48 -9.58 -9.56
CA ARG A 229 -24.70 -8.86 -9.89
C ARG A 229 -24.43 -7.98 -11.10
N ASP A 230 -25.33 -8.06 -12.07
CA ASP A 230 -25.31 -7.13 -13.18
C ASP A 230 -25.72 -5.75 -12.65
N THR A 231 -24.85 -4.75 -12.82
CA THR A 231 -25.15 -3.43 -12.28
C THR A 231 -26.24 -2.69 -13.04
N VAL A 232 -26.65 -3.19 -14.20
CA VAL A 232 -27.74 -2.58 -14.97
C VAL A 232 -29.06 -3.31 -14.74
N THR A 233 -29.06 -4.63 -14.95
CA THR A 233 -30.29 -5.42 -14.93
C THR A 233 -30.59 -6.02 -13.56
N GLY A 234 -29.59 -6.10 -12.68
CA GLY A 234 -29.76 -6.74 -11.40
C GLY A 234 -29.67 -8.26 -11.42
N GLU A 235 -29.52 -8.87 -12.60
CA GLU A 235 -29.36 -10.32 -12.66
C GLU A 235 -28.15 -10.75 -11.82
N GLU A 236 -28.35 -11.79 -11.03
CA GLU A 236 -27.32 -12.33 -10.14
C GLU A 236 -27.00 -13.76 -10.53
N SER A 237 -25.75 -14.14 -10.30
CA SER A 237 -25.25 -15.47 -10.62
C SER A 237 -24.03 -15.73 -9.75
N LYS A 238 -23.46 -16.93 -9.90
CA LYS A 238 -22.29 -17.37 -9.14
C LYS A 238 -21.25 -17.90 -10.10
N LEU A 239 -19.98 -17.54 -9.85
CA LEU A 239 -18.86 -18.03 -10.63
C LEU A 239 -17.96 -18.87 -9.73
N ASP A 240 -17.59 -20.06 -10.19
CA ASP A 240 -16.65 -20.86 -9.41
C ASP A 240 -15.24 -20.41 -9.76
N VAL A 241 -14.50 -19.91 -8.75
CA VAL A 241 -13.12 -19.48 -8.92
C VAL A 241 -12.42 -19.72 -7.58
N THR A 242 -11.10 -19.80 -7.63
CA THR A 242 -10.32 -20.02 -6.42
C THR A 242 -9.42 -18.83 -6.07
N GLY A 243 -9.50 -17.74 -6.81
CA GLY A 243 -8.74 -16.54 -6.48
C GLY A 243 -9.47 -15.30 -6.91
N VAL A 244 -9.31 -14.25 -6.13
CA VAL A 244 -9.90 -12.95 -6.42
C VAL A 244 -8.81 -11.91 -6.22
N PHE A 245 -8.40 -11.24 -7.31
CA PHE A 245 -7.40 -10.19 -7.26
C PHE A 245 -8.10 -8.84 -7.37
N VAL A 246 -8.02 -8.04 -6.33
CA VAL A 246 -8.68 -6.75 -6.30
C VAL A 246 -7.69 -5.73 -6.83
N ALA A 247 -8.04 -5.08 -7.93
CA ALA A 247 -7.16 -4.13 -8.59
C ALA A 247 -7.96 -2.91 -8.99
N ILE A 248 -8.73 -2.37 -8.03
CA ILE A 248 -9.61 -1.24 -8.30
C ILE A 248 -8.97 0.10 -7.93
N GLY A 249 -7.69 0.10 -7.60
CA GLY A 249 -6.96 1.33 -7.38
C GLY A 249 -6.50 1.47 -5.93
N HIS A 250 -5.71 2.53 -5.72
CA HIS A 250 -5.13 2.84 -4.43
CA HIS A 250 -5.15 2.84 -4.43
C HIS A 250 -5.44 4.30 -4.09
N ASP A 251 -5.52 4.58 -2.79
CA ASP A 251 -5.67 5.93 -2.28
C ASP A 251 -4.46 6.21 -1.41
N PRO A 252 -3.48 7.01 -1.86
CA PRO A 252 -2.39 7.40 -0.97
C PRO A 252 -2.94 8.13 0.25
N ARG A 253 -2.33 7.86 1.41
CA ARG A 253 -2.83 8.42 2.66
C ARG A 253 -2.23 9.81 2.91
N SER A 254 -2.57 10.73 2.02
CA SER A 254 -2.03 12.08 2.07
C SER A 254 -3.02 13.10 2.68
N GLU A 255 -4.14 12.65 3.26
CA GLU A 255 -5.14 13.56 3.80
C GLU A 255 -4.56 14.48 4.85
N LEU A 256 -3.68 13.97 5.72
CA LEU A 256 -3.07 14.81 6.75
C LEU A 256 -2.36 16.03 6.17
N VAL A 257 -1.77 15.89 4.99
CA VAL A 257 -0.82 16.87 4.50
C VAL A 257 -1.32 17.65 3.31
N ARG A 258 -2.52 17.34 2.82
CA ARG A 258 -3.09 18.10 1.71
C ARG A 258 -3.25 19.56 2.08
N GLY A 259 -2.83 20.45 1.18
CA GLY A 259 -2.79 21.86 1.47
C GLY A 259 -1.49 22.34 2.08
N GLN A 260 -0.62 21.45 2.52
CA GLN A 260 0.68 21.82 3.09
CA GLN A 260 0.68 21.86 3.05
C GLN A 260 1.84 21.35 2.22
N VAL A 261 1.78 20.12 1.74
CA VAL A 261 2.80 19.52 0.89
C VAL A 261 2.18 19.32 -0.49
N GLU A 262 2.94 19.62 -1.54
CA GLU A 262 2.43 19.49 -2.90
C GLU A 262 2.12 18.03 -3.20
N LEU A 263 0.96 17.77 -3.79
CA LEU A 263 0.53 16.45 -4.15
C LEU A 263 0.34 16.40 -5.66
N ASP A 264 0.42 15.21 -6.26
CA ASP A 264 0.02 15.12 -7.66
C ASP A 264 -1.50 14.98 -7.76
N ASP A 265 -2.01 14.90 -8.99
CA ASP A 265 -3.45 14.91 -9.19
C ASP A 265 -4.15 13.70 -8.58
N GLU A 266 -3.43 12.62 -8.30
CA GLU A 266 -4.01 11.45 -7.69
C GLU A 266 -3.78 11.42 -6.18
N GLY A 267 -3.15 12.47 -5.63
CA GLY A 267 -2.93 12.56 -4.21
C GLY A 267 -1.60 12.03 -3.69
N TYR A 268 -0.70 11.55 -4.55
CA TYR A 268 0.60 11.09 -4.07
C TYR A 268 1.46 12.29 -3.73
N VAL A 269 2.26 12.18 -2.68
CA VAL A 269 3.17 13.25 -2.31
C VAL A 269 4.27 13.35 -3.35
N LYS A 270 4.50 14.56 -3.85
CA LYS A 270 5.57 14.78 -4.82
C LYS A 270 6.91 14.96 -4.11
N VAL A 271 7.98 14.46 -4.74
CA VAL A 271 9.31 14.59 -4.19
C VAL A 271 10.26 15.13 -5.27
N GLN A 272 11.36 15.69 -4.81
CA GLN A 272 12.30 16.37 -5.69
C GLN A 272 13.27 15.37 -6.30
N GLY A 273 13.26 15.27 -7.63
CA GLY A 273 14.25 14.46 -8.33
C GLY A 273 14.22 13.03 -7.83
N ARG A 274 15.40 12.48 -7.52
CA ARG A 274 15.49 11.14 -6.99
C ARG A 274 15.68 11.12 -5.46
N THR A 275 15.28 12.19 -4.77
CA THR A 275 15.41 12.26 -3.32
C THR A 275 14.04 12.04 -2.68
N THR A 276 13.98 12.18 -1.36
CA THR A 276 12.71 12.12 -0.63
C THR A 276 12.19 13.49 -0.22
N TYR A 277 12.85 14.57 -0.63
CA TYR A 277 12.45 15.92 -0.25
C TYR A 277 11.10 16.29 -0.83
N THR A 278 10.19 16.75 0.01
CA THR A 278 8.91 17.26 -0.46
C THR A 278 9.06 18.75 -0.79
N SER A 279 7.93 19.39 -1.13
CA SER A 279 7.91 20.84 -1.33
C SER A 279 8.15 21.62 -0.05
N LEU A 280 8.09 21.01 1.12
CA LEU A 280 8.27 21.75 2.37
C LEU A 280 9.64 21.46 2.97
N ASP A 281 10.38 22.51 3.33
CA ASP A 281 11.66 22.35 4.03
C ASP A 281 11.48 21.53 5.30
N GLY A 282 12.39 20.57 5.50
CA GLY A 282 12.34 19.73 6.67
C GLY A 282 11.33 18.60 6.63
N VAL A 283 10.64 18.40 5.51
CA VAL A 283 9.63 17.36 5.41
C VAL A 283 10.00 16.41 4.26
N PHE A 284 10.05 15.12 4.56
CA PHE A 284 10.51 14.07 3.64
C PHE A 284 9.43 13.01 3.54
N ALA A 285 9.40 12.31 2.41
CA ALA A 285 8.32 11.35 2.20
C ALA A 285 8.84 10.09 1.54
N ALA A 286 8.28 8.96 1.94
CA ALA A 286 8.82 7.68 1.53
C ALA A 286 7.67 6.71 1.35
N GLY A 287 7.95 5.65 0.63
CA GLY A 287 7.03 4.54 0.55
C GLY A 287 5.89 4.78 -0.43
N ASP A 288 4.81 4.03 -0.24
CA ASP A 288 3.71 4.06 -1.18
C ASP A 288 2.88 5.33 -1.09
N LEU A 289 3.14 6.18 -0.09
CA LEU A 289 2.61 7.54 -0.09
C LEU A 289 3.12 8.33 -1.30
N VAL A 290 4.29 7.94 -1.83
CA VAL A 290 4.98 8.62 -2.93
C VAL A 290 4.94 7.77 -4.20
N ASP A 291 5.27 6.48 -4.06
CA ASP A 291 5.49 5.57 -5.18
C ASP A 291 4.16 4.97 -5.64
N HIS A 292 3.75 5.31 -6.86
CA HIS A 292 2.58 4.70 -7.49
CA HIS A 292 2.58 4.70 -7.49
C HIS A 292 2.99 3.79 -8.65
N THR A 293 4.23 3.33 -8.65
CA THR A 293 4.78 2.49 -9.71
C THR A 293 5.10 1.08 -9.27
N TYR A 294 5.89 0.93 -8.21
CA TYR A 294 6.38 -0.38 -7.79
C TYR A 294 5.55 -0.99 -6.68
N ARG A 295 5.37 -0.27 -5.58
CA ARG A 295 4.46 -0.66 -4.50
C ARG A 295 4.83 -2.05 -3.96
N GLN A 296 6.09 -2.17 -3.54
CA GLN A 296 6.55 -3.39 -2.92
C GLN A 296 7.13 -3.06 -1.55
N ALA A 297 7.22 -4.06 -0.69
CA ALA A 297 7.83 -3.85 0.63
C ALA A 297 9.31 -3.47 0.51
N ILE A 298 10.05 -4.12 -0.38
CA ILE A 298 11.49 -3.84 -0.48
C ILE A 298 11.72 -2.43 -1.02
N THR A 299 10.88 -1.95 -1.94
CA THR A 299 11.07 -0.59 -2.42
C THR A 299 10.67 0.43 -1.38
N ALA A 300 9.58 0.18 -0.63
CA ALA A 300 9.21 1.08 0.45
C ALA A 300 10.31 1.13 1.51
N ALA A 301 10.87 -0.04 1.87
CA ALA A 301 11.97 -0.04 2.83
C ALA A 301 13.16 0.77 2.30
N GLY A 302 13.52 0.57 1.03
CA GLY A 302 14.61 1.36 0.46
C GLY A 302 14.35 2.85 0.55
N SER A 303 13.13 3.28 0.22
CA SER A 303 12.86 4.72 0.27
C SER A 303 12.81 5.23 1.72
N GLY A 304 12.39 4.40 2.68
CA GLY A 304 12.44 4.84 4.08
C GLY A 304 13.87 5.09 4.56
N CYS A 305 14.79 4.22 4.15
CA CYS A 305 16.21 4.51 4.38
C CYS A 305 16.61 5.85 3.78
N ALA A 306 16.26 6.08 2.52
CA ALA A 306 16.66 7.32 1.86
C ALA A 306 16.08 8.54 2.57
N ALA A 307 14.83 8.44 3.04
CA ALA A 307 14.23 9.57 3.74
C ALA A 307 15.01 9.90 5.00
N SER A 308 15.48 8.88 5.72
CA SER A 308 16.20 9.14 6.95
C SER A 308 17.58 9.73 6.66
N ILE A 309 18.23 9.27 5.59
CA ILE A 309 19.52 9.83 5.23
C ILE A 309 19.37 11.27 4.77
N ASP A 310 18.35 11.53 3.92
CA ASP A 310 18.01 12.90 3.57
C ASP A 310 17.77 13.74 4.81
N ALA A 311 16.91 13.26 5.73
CA ALA A 311 16.60 14.03 6.94
C ALA A 311 17.85 14.26 7.76
N GLU A 312 18.67 13.24 7.95
CA GLU A 312 19.89 13.42 8.74
C GLU A 312 20.77 14.49 8.10
N ARG A 313 20.95 14.43 6.80
CA ARG A 313 21.84 15.40 6.17
C ARG A 313 21.25 16.80 6.22
N TRP A 314 19.94 16.89 6.03
CA TRP A 314 19.27 18.18 6.12
C TRP A 314 19.39 18.76 7.53
N LEU A 315 19.19 17.92 8.55
CA LEU A 315 19.34 18.39 9.93
C LEU A 315 20.75 18.90 10.18
N ALA A 316 21.75 18.22 9.63
CA ALA A 316 23.13 18.65 9.82
C ALA A 316 23.39 20.01 9.18
N GLU A 317 22.65 20.38 8.15
CA GLU A 317 22.81 21.70 7.55
C GLU A 317 22.22 22.82 8.40
N GLN A 318 21.34 22.53 9.34
CA GLN A 318 20.78 23.58 10.18
C GLN A 318 21.73 23.85 11.34
PA FAD B . 2.10 0.88 4.47
O1A FAD B . 0.70 1.13 3.99
O2A FAD B . 2.62 -0.56 4.40
O5B FAD B . 2.30 1.31 5.97
C5B FAD B . 1.79 2.56 6.48
C4B FAD B . 1.49 2.38 7.95
O4B FAD B . 1.43 3.67 8.59
C3B FAD B . 0.15 1.68 8.25
O3B FAD B . 0.16 0.83 9.39
C2B FAD B . -0.77 2.85 8.55
O2B FAD B . -1.88 2.48 9.37
C1B FAD B . 0.19 3.79 9.28
N9A FAD B . -0.28 5.15 9.26
C8A FAD B . -0.91 5.77 8.20
N7A FAD B . -1.36 6.98 8.47
C5A FAD B . -1.02 7.16 9.80
C6A FAD B . -1.22 8.23 10.69
N6A FAD B . -1.85 9.37 10.35
N1A FAD B . -0.75 8.10 11.95
C2A FAD B . -0.14 6.96 12.30
N3A FAD B . 0.10 5.89 11.55
C4A FAD B . -0.38 6.05 10.31
N1 FAD B . 4.77 -6.23 -1.08
C2 FAD B . 5.78 -7.12 -1.31
O2 FAD B . 6.90 -6.72 -1.64
N3 FAD B . 5.57 -8.48 -1.13
C4 FAD B . 4.38 -9.08 -0.74
O4 FAD B . 4.31 -10.30 -0.61
C4X FAD B . 3.31 -8.14 -0.50
N5 FAD B . 2.14 -8.62 -0.12
C5X FAD B . 1.11 -7.72 0.10
C6 FAD B . -0.13 -8.21 0.52
C7 FAD B . -1.19 -7.34 0.74
C7M FAD B . -2.53 -7.91 1.17
C8 FAD B . -1.02 -5.96 0.56
C8M FAD B . -2.15 -5.00 0.82
C9 FAD B . 0.22 -5.47 0.16
C9A FAD B . 1.28 -6.34 -0.08
N10 FAD B . 2.55 -5.86 -0.49
C10 FAD B . 3.58 -6.74 -0.71
C1' FAD B . 2.78 -4.43 -0.67
C2' FAD B . 3.59 -3.82 0.46
O2' FAD B . 3.07 -4.25 1.72
C3' FAD B . 3.52 -2.29 0.37
O3' FAD B . 4.03 -1.90 -0.90
C4' FAD B . 4.35 -1.64 1.47
O4' FAD B . 3.95 -2.10 2.77
C5' FAD B . 4.25 -0.14 1.49
O5' FAD B . 4.84 0.33 2.71
P FAD B . 4.65 1.80 3.21
O1P FAD B . 5.50 1.87 4.46
O2P FAD B . 4.86 2.88 2.25
O3P FAD B . 3.09 1.86 3.71
C1 U9C C . -15.66 -1.68 -7.34
C2 U9C C . -16.30 -2.93 -7.24
C3 U9C C . -17.41 -4.71 -6.21
C4 U9C C . -16.82 -3.38 -6.02
C5 U9C C . -16.74 -2.56 -4.91
C6 U9C C . -16.13 -1.32 -5.00
C7 U9C C . -14.45 1.22 -5.19
C8 U9C C . -14.11 0.68 -3.96
C9 U9C C . -13.55 1.48 -2.97
C10 U9C C . -13.30 2.82 -3.20
C11 U9C C . -13.65 3.36 -4.44
C12 U9C C . -14.22 2.57 -5.43
N U9C C . -14.98 0.41 -6.25
C U9C C . -15.59 -0.88 -6.21
N1 U9C C . -17.34 -5.20 -7.44
N2 U9C C . -17.96 -5.44 -5.23
N3 U9C C . -12.71 3.61 -2.23
S U9C C . -16.58 -4.11 -8.46
C1 MLI D . -26.90 -16.35 3.25
C2 MLI D . -27.27 -16.78 1.83
C3 MLI D . -25.41 -15.94 3.34
O6 MLI D . -27.42 -17.99 1.61
O7 MLI D . -27.36 -15.85 0.98
O8 MLI D . -24.56 -16.80 3.02
O9 MLI D . -25.16 -14.76 3.70
C1 MLI E . 6.03 14.20 24.74
C2 MLI E . 6.38 12.72 24.89
C3 MLI E . 6.91 14.92 23.69
O6 MLI E . 7.59 12.37 24.72
O7 MLI E . 5.42 11.96 25.15
O8 MLI E . 6.82 14.53 22.51
O9 MLI E . 7.64 15.83 24.13
C1 GOL F . -3.54 -11.61 7.49
O1 GOL F . -2.17 -11.39 7.67
C2 GOL F . -3.76 -12.95 6.76
O2 GOL F . -4.85 -13.63 7.29
C3 GOL F . -4.02 -12.55 5.29
O3 GOL F . -2.95 -12.98 4.46
MG MG G . -2.22 -1.34 7.09
MG MG H . -4.76 5.52 8.70
CL CL I . -0.34 23.28 -1.53
CL CL J . -4.18 24.18 5.74
#